data_1PIF
#
_entry.id   1PIF
#
_cell.length_a   70.700
_cell.length_b   114.900
_cell.length_c   118.900
_cell.angle_alpha   90.00
_cell.angle_beta   90.00
_cell.angle_gamma   90.00
#
_symmetry.space_group_name_H-M   'P 21 21 21'
#
loop_
_entity.id
_entity.type
_entity.pdbx_description
1 polymer ALPHA-AMYLASE
2 non-polymer 'CALCIUM ION'
3 non-polymer 'CHLORIDE ION'
4 water water
#
_entity_poly.entity_id   1
_entity_poly.type   'polypeptide(L)'
_entity_poly.pdbx_seq_one_letter_code
;(PCA)YAPQTQSGRTSIVHLFEWRWVDIALECERYLGPKGFGGVQVSPPNENVVVTNPSRPWWERYQPVSYKLCTRSGNE
NEFRDMVTRCNNVGVRIYVDAVINHMCGSGAAAGTGTTCGSYCNPGSREFPAVPYSAWDFNDGKCKTASGGIESYNDPYQ
VRDCQLVGLLDLALEKDYVRSMIADYLNKLIDIGVAGFRIDASKHMWPGDIKAVLDKLHNLNTNWFPAGSRPFIFQEVID
LGGEAISSSEYFGNGRVTEFKYGAKLGTVVRKWSGEKMSYLKNWGEGWGFMPSDRALVFVDNHDNQRGHGAGGSSILTFW
DARLYKVAVGFMLAHPYGFTRVMSSYRWARNFVNGEDVNDWIGPPNNNGVIKEVTINADTTCGNDWVCEHRWREIRNMVW
FRNVVDGQPFANWWDNGSNQVAFGRGNRGFIVFNNDDWQLSSTLQTGLPGGTYCNVISGDKVGNSCTGIKVYVSSDGTAQ
FSISNSAQDPFIAIHAESKL
;
_entity_poly.pdbx_strand_id   A
#
# COMPACT_ATOMS: atom_id res chain seq x y z
N TYR A 2 -13.43 7.79 -5.34
CA TYR A 2 -12.05 8.19 -5.52
C TYR A 2 -11.52 8.89 -4.28
N ALA A 3 -12.45 9.39 -3.46
CA ALA A 3 -12.10 10.10 -2.22
C ALA A 3 -11.75 9.08 -1.15
N PRO A 4 -10.57 9.22 -0.53
CA PRO A 4 -10.10 8.32 0.52
C PRO A 4 -10.92 8.30 1.80
N GLN A 5 -11.67 9.36 2.05
CA GLN A 5 -12.51 9.46 3.25
C GLN A 5 -11.70 9.54 4.55
N THR A 6 -10.43 9.91 4.44
CA THR A 6 -9.58 10.04 5.63
C THR A 6 -10.03 11.31 6.33
N GLN A 7 -9.66 11.44 7.60
CA GLN A 7 -9.98 12.60 8.38
C GLN A 7 -9.25 13.75 7.72
N SER A 8 -9.95 14.86 7.54
CA SER A 8 -9.43 16.06 6.89
C SER A 8 -8.00 16.38 7.30
N GLY A 9 -7.14 16.53 6.31
CA GLY A 9 -5.75 16.84 6.57
C GLY A 9 -4.82 15.64 6.54
N ARG A 10 -5.36 14.44 6.71
CA ARG A 10 -4.53 13.24 6.69
C ARG A 10 -4.43 12.80 5.25
N THR A 11 -3.20 12.56 4.79
CA THR A 11 -2.98 12.24 3.38
C THR A 11 -2.35 10.91 2.97
N SER A 12 -2.16 9.97 3.89
CA SER A 12 -1.57 8.68 3.55
C SER A 12 -2.21 7.53 4.28
N ILE A 13 -1.95 6.31 3.81
CA ILE A 13 -2.43 5.11 4.51
C ILE A 13 -1.24 4.16 4.63
N VAL A 14 -1.27 3.29 5.64
CA VAL A 14 -0.18 2.32 5.86
C VAL A 14 -0.71 0.91 5.71
N HIS A 15 0.09 0.04 5.10
CA HIS A 15 -0.29 -1.35 4.96
C HIS A 15 0.32 -2.10 6.12
N LEU A 16 -0.45 -2.33 7.17
CA LEU A 16 0.07 -3.09 8.31
C LEU A 16 -0.07 -4.57 7.97
N PHE A 17 0.81 -4.98 7.06
CA PHE A 17 0.87 -6.31 6.50
C PHE A 17 0.95 -7.43 7.54
N GLU A 18 -0.09 -8.28 7.56
CA GLU A 18 -0.18 -9.43 8.44
C GLU A 18 -0.28 -9.15 9.93
N TRP A 19 -0.48 -7.90 10.33
CA TRP A 19 -0.61 -7.56 11.74
C TRP A 19 -1.92 -8.15 12.29
N ARG A 20 -1.99 -8.32 13.61
CA ARG A 20 -3.18 -8.84 14.28
C ARG A 20 -4.06 -7.63 14.57
N TRP A 21 -5.37 -7.83 14.63
CA TRP A 21 -6.34 -6.74 14.87
C TRP A 21 -6.09 -6.01 16.17
N VAL A 22 -5.85 -6.77 17.24
CA VAL A 22 -5.60 -6.18 18.54
C VAL A 22 -4.37 -5.23 18.49
N ASP A 23 -3.34 -5.63 17.75
CA ASP A 23 -2.13 -4.83 17.58
C ASP A 23 -2.39 -3.56 16.79
N ILE A 24 -3.22 -3.65 15.75
CA ILE A 24 -3.57 -2.48 14.96
C ILE A 24 -4.41 -1.50 15.79
N ALA A 25 -5.28 -2.02 16.64
CA ALA A 25 -6.11 -1.17 17.50
C ALA A 25 -5.23 -0.32 18.39
N LEU A 26 -4.24 -0.96 19.02
CA LEU A 26 -3.28 -0.29 19.89
C LEU A 26 -2.47 0.73 19.12
N GLU A 27 -1.93 0.30 17.97
CA GLU A 27 -1.14 1.18 17.11
C GLU A 27 -1.88 2.45 16.70
N CYS A 28 -3.19 2.34 16.45
CA CYS A 28 -4.00 3.49 16.10
C CYS A 28 -3.98 4.50 17.22
N GLU A 29 -4.25 4.03 18.43
CA GLU A 29 -4.30 4.91 19.59
C GLU A 29 -2.97 5.49 20.02
N ARG A 30 -1.94 4.66 20.09
CA ARG A 30 -0.62 5.10 20.53
C ARG A 30 0.27 5.78 19.50
N TYR A 31 0.06 5.49 18.22
CA TYR A 31 0.92 6.05 17.18
C TYR A 31 0.24 6.70 15.98
N LEU A 32 -0.48 5.90 15.20
CA LEU A 32 -1.11 6.38 13.98
C LEU A 32 -1.98 7.62 14.16
N GLY A 33 -2.81 7.61 15.19
CA GLY A 33 -3.70 8.73 15.44
C GLY A 33 -2.91 9.98 15.71
N PRO A 34 -2.07 9.96 16.75
CA PRO A 34 -1.24 11.12 17.11
C PRO A 34 -0.28 11.56 16.00
N LYS A 35 0.30 10.60 15.28
CA LYS A 35 1.23 10.94 14.22
C LYS A 35 0.64 11.40 12.90
N GLY A 36 -0.68 11.49 12.81
CA GLY A 36 -1.30 11.98 11.59
C GLY A 36 -1.47 11.07 10.40
N PHE A 37 -1.50 9.76 10.61
CA PHE A 37 -1.69 8.81 9.52
C PHE A 37 -3.17 8.79 9.16
N GLY A 38 -3.48 8.79 7.87
CA GLY A 38 -4.85 8.78 7.44
C GLY A 38 -5.62 7.49 7.66
N GLY A 39 -4.98 6.34 7.44
CA GLY A 39 -5.67 5.07 7.63
C GLY A 39 -4.79 3.85 7.49
N VAL A 40 -5.37 2.68 7.71
CA VAL A 40 -4.65 1.42 7.63
C VAL A 40 -5.26 0.45 6.62
N GLN A 41 -4.42 -0.21 5.83
CA GLN A 41 -4.89 -1.24 4.91
C GLN A 41 -4.57 -2.54 5.65
N VAL A 42 -5.59 -3.32 5.96
CA VAL A 42 -5.40 -4.59 6.67
C VAL A 42 -5.35 -5.77 5.71
N SER A 43 -4.84 -6.89 6.20
CA SER A 43 -4.77 -8.10 5.41
C SER A 43 -6.20 -8.65 5.32
N PRO A 44 -6.49 -9.53 4.33
CA PRO A 44 -7.84 -10.09 4.19
C PRO A 44 -8.43 -10.58 5.53
N PRO A 45 -9.56 -9.99 5.98
CA PRO A 45 -10.17 -10.40 7.25
C PRO A 45 -11.07 -11.63 7.20
N ASN A 46 -11.33 -12.13 6.00
CA ASN A 46 -12.20 -13.28 5.83
C ASN A 46 -11.42 -14.58 5.90
N GLU A 47 -12.10 -15.64 6.30
CA GLU A 47 -11.53 -16.98 6.44
C GLU A 47 -10.79 -17.50 5.21
N ASN A 48 -9.68 -18.19 5.43
CA ASN A 48 -8.89 -18.72 4.32
C ASN A 48 -8.48 -20.16 4.56
N VAL A 49 -7.93 -20.78 3.52
CA VAL A 49 -7.48 -22.16 3.60
C VAL A 49 -6.13 -22.20 4.32
N VAL A 50 -5.87 -23.28 5.05
CA VAL A 50 -4.63 -23.45 5.78
C VAL A 50 -3.63 -24.22 4.91
N VAL A 51 -2.51 -23.60 4.58
CA VAL A 51 -1.49 -24.25 3.79
C VAL A 51 -0.40 -24.71 4.76
N THR A 52 -0.22 -26.02 4.84
CA THR A 52 0.77 -26.59 5.74
C THR A 52 2.08 -26.87 5.02
N ASN A 53 2.09 -26.70 3.71
CA ASN A 53 3.29 -26.91 2.94
C ASN A 53 3.30 -25.95 1.77
N PRO A 54 4.10 -24.87 1.87
CA PRO A 54 4.99 -24.47 2.97
C PRO A 54 4.20 -24.19 4.24
N SER A 55 4.91 -24.05 5.34
CA SER A 55 4.27 -23.82 6.60
C SER A 55 3.69 -22.42 6.78
N ARG A 56 2.39 -22.29 6.53
CA ARG A 56 1.65 -21.05 6.68
C ARG A 56 2.21 -19.83 5.95
N PRO A 57 2.23 -19.88 4.60
CA PRO A 57 2.74 -18.78 3.79
C PRO A 57 1.82 -17.56 3.91
N TRP A 58 2.36 -16.38 3.60
CA TRP A 58 1.58 -15.15 3.65
C TRP A 58 0.47 -15.21 2.60
N TRP A 59 0.73 -15.89 1.49
CA TRP A 59 -0.25 -16.00 0.41
C TRP A 59 -1.45 -16.93 0.61
N GLU A 60 -1.47 -17.70 1.69
CA GLU A 60 -2.61 -18.57 1.90
C GLU A 60 -3.85 -17.69 2.15
N ARG A 61 -3.63 -16.47 2.64
CA ARG A 61 -4.73 -15.53 2.91
C ARG A 61 -5.42 -15.01 1.65
N TYR A 62 -4.91 -15.36 0.47
CA TYR A 62 -5.52 -14.93 -0.77
C TYR A 62 -6.25 -16.12 -1.39
N GLN A 63 -6.55 -17.10 -0.56
CA GLN A 63 -7.27 -18.29 -0.96
C GLN A 63 -8.45 -18.48 0.01
N PRO A 64 -9.56 -17.76 -0.22
CA PRO A 64 -10.77 -17.80 0.61
C PRO A 64 -11.55 -19.10 0.63
N VAL A 65 -12.19 -19.36 1.77
CA VAL A 65 -13.05 -20.53 1.92
C VAL A 65 -14.45 -20.13 2.43
N SER A 66 -14.61 -18.87 2.86
CA SER A 66 -15.90 -18.36 3.33
C SER A 66 -15.74 -16.87 3.60
N TYR A 67 -16.78 -16.22 4.11
CA TYR A 67 -16.67 -14.80 4.42
C TYR A 67 -16.80 -14.55 5.92
N LYS A 68 -16.44 -15.55 6.72
CA LYS A 68 -16.47 -15.39 8.17
C LYS A 68 -15.25 -14.55 8.54
N LEU A 69 -15.43 -13.55 9.40
CA LEU A 69 -14.32 -12.72 9.83
C LEU A 69 -13.56 -13.52 10.89
N CYS A 70 -12.77 -14.48 10.42
CA CYS A 70 -12.07 -15.40 11.29
C CYS A 70 -10.73 -15.85 10.65
N THR A 71 -9.63 -15.21 11.05
CA THR A 71 -8.31 -15.48 10.49
C THR A 71 -7.21 -15.47 11.55
N ARG A 72 -5.95 -15.51 11.11
CA ARG A 72 -4.80 -15.48 12.01
C ARG A 72 -4.62 -14.10 12.64
N SER A 73 -5.24 -13.08 12.05
CA SER A 73 -5.16 -11.75 12.61
C SER A 73 -6.19 -11.57 13.73
N GLY A 74 -7.16 -12.47 13.79
CA GLY A 74 -8.17 -12.37 14.85
C GLY A 74 -9.57 -12.78 14.47
N ASN A 75 -10.51 -12.50 15.36
CA ASN A 75 -11.90 -12.84 15.14
C ASN A 75 -12.75 -11.59 14.95
N GLU A 76 -14.03 -11.79 14.66
CA GLU A 76 -14.95 -10.68 14.43
C GLU A 76 -15.03 -9.67 15.56
N ASN A 77 -14.92 -10.14 16.79
CA ASN A 77 -14.99 -9.22 17.91
C ASN A 77 -13.77 -8.34 17.92
N GLU A 78 -12.62 -8.97 17.69
CA GLU A 78 -11.35 -8.27 17.64
C GLU A 78 -11.37 -7.31 16.46
N PHE A 79 -11.95 -7.75 15.34
CA PHE A 79 -12.05 -6.91 14.15
C PHE A 79 -12.90 -5.68 14.44
N ARG A 80 -14.08 -5.89 15.00
CA ARG A 80 -14.98 -4.78 15.34
C ARG A 80 -14.33 -3.79 16.29
N ASP A 81 -13.62 -4.30 17.28
CA ASP A 81 -12.96 -3.47 18.28
C ASP A 81 -11.95 -2.55 17.60
N MET A 82 -11.13 -3.15 16.75
CA MET A 82 -10.11 -2.43 16.01
C MET A 82 -10.72 -1.32 15.15
N VAL A 83 -11.74 -1.66 14.36
CA VAL A 83 -12.36 -0.65 13.51
C VAL A 83 -12.92 0.51 14.31
N THR A 84 -13.54 0.22 15.44
CA THR A 84 -14.12 1.26 16.29
C THR A 84 -13.06 2.16 16.92
N ARG A 85 -12.08 1.54 17.57
CA ARG A 85 -10.99 2.26 18.23
C ARG A 85 -10.19 3.14 17.29
N CYS A 86 -9.91 2.64 16.08
CA CYS A 86 -9.18 3.40 15.08
C CYS A 86 -10.00 4.56 14.56
N ASN A 87 -11.28 4.31 14.26
CA ASN A 87 -12.16 5.38 13.76
C ASN A 87 -12.25 6.45 14.82
N ASN A 88 -12.28 6.01 16.07
CA ASN A 88 -12.35 6.93 17.18
C ASN A 88 -11.15 7.84 17.38
N VAL A 89 -10.02 7.52 16.77
CA VAL A 89 -8.84 8.37 16.87
C VAL A 89 -8.51 9.01 15.51
N GLY A 90 -9.48 8.93 14.59
CA GLY A 90 -9.34 9.53 13.26
C GLY A 90 -8.53 8.78 12.23
N VAL A 91 -8.33 7.48 12.46
CA VAL A 91 -7.57 6.63 11.55
C VAL A 91 -8.52 5.64 10.90
N ARG A 92 -8.67 5.75 9.58
CA ARG A 92 -9.56 4.89 8.82
C ARG A 92 -9.05 3.46 8.59
N ILE A 93 -9.95 2.54 8.24
CA ILE A 93 -9.60 1.16 7.97
C ILE A 93 -10.06 0.78 6.57
N TYR A 94 -9.17 0.20 5.78
CA TYR A 94 -9.47 -0.22 4.41
C TYR A 94 -9.23 -1.72 4.35
N VAL A 95 -10.24 -2.45 3.88
CA VAL A 95 -10.13 -3.89 3.81
C VAL A 95 -9.65 -4.42 2.47
N ASP A 96 -8.78 -5.40 2.52
CA ASP A 96 -8.26 -6.03 1.32
C ASP A 96 -9.33 -7.05 0.92
N ALA A 97 -10.12 -6.74 -0.12
CA ALA A 97 -11.20 -7.60 -0.59
C ALA A 97 -10.79 -8.60 -1.68
N VAL A 98 -10.72 -9.88 -1.30
CA VAL A 98 -10.37 -10.98 -2.20
C VAL A 98 -11.68 -11.57 -2.70
N ILE A 99 -12.15 -11.03 -3.80
CA ILE A 99 -13.43 -11.42 -4.39
C ILE A 99 -13.40 -12.01 -5.78
N ASN A 100 -12.23 -12.22 -6.36
CA ASN A 100 -12.18 -12.78 -7.71
C ASN A 100 -12.25 -14.27 -7.72
N HIS A 101 -11.76 -14.88 -6.65
CA HIS A 101 -11.66 -16.33 -6.59
C HIS A 101 -11.80 -16.86 -5.18
N MET A 102 -11.91 -18.18 -5.06
CA MET A 102 -11.95 -18.86 -3.77
C MET A 102 -10.58 -19.54 -3.64
N CYS A 103 -10.49 -20.68 -2.95
CA CYS A 103 -9.18 -21.32 -2.81
C CYS A 103 -8.74 -22.07 -4.06
N GLY A 104 -7.59 -22.75 -3.98
CA GLY A 104 -7.08 -23.52 -5.12
C GLY A 104 -7.91 -24.74 -5.42
N SER A 105 -8.14 -25.01 -6.70
CA SER A 105 -8.96 -26.15 -7.10
C SER A 105 -8.39 -27.50 -6.72
N GLY A 106 -7.10 -27.53 -6.41
CA GLY A 106 -6.44 -28.76 -6.05
C GLY A 106 -6.43 -29.04 -4.56
N ALA A 107 -6.82 -28.05 -3.76
CA ALA A 107 -6.84 -28.21 -2.31
C ALA A 107 -7.74 -29.39 -1.99
N ALA A 108 -7.44 -30.11 -0.92
CA ALA A 108 -8.25 -31.27 -0.55
C ALA A 108 -9.47 -30.91 0.26
N ALA A 109 -10.49 -31.74 0.17
CA ALA A 109 -11.72 -31.51 0.92
C ALA A 109 -11.38 -31.66 2.39
N GLY A 110 -11.98 -30.84 3.23
CA GLY A 110 -11.70 -30.94 4.65
C GLY A 110 -12.04 -29.69 5.41
N THR A 111 -11.45 -29.58 6.60
CA THR A 111 -11.67 -28.43 7.46
C THR A 111 -10.37 -27.74 7.88
N GLY A 112 -9.31 -27.96 7.10
CA GLY A 112 -8.03 -27.31 7.38
C GLY A 112 -8.22 -25.88 6.88
N THR A 113 -9.01 -25.12 7.62
CA THR A 113 -9.34 -23.75 7.28
C THR A 113 -9.16 -22.92 8.55
N THR A 114 -8.99 -21.61 8.42
CA THR A 114 -8.77 -20.78 9.59
C THR A 114 -9.94 -20.71 10.58
N CYS A 115 -11.11 -21.20 10.19
CA CYS A 115 -12.24 -21.15 11.11
C CYS A 115 -12.93 -22.49 11.24
N GLY A 116 -12.36 -23.52 10.63
CA GLY A 116 -12.95 -24.83 10.71
C GLY A 116 -14.10 -25.12 9.76
N SER A 117 -14.39 -24.20 8.84
CA SER A 117 -15.46 -24.43 7.88
C SER A 117 -15.01 -25.53 6.92
N TYR A 118 -15.97 -26.33 6.48
CA TYR A 118 -15.66 -27.40 5.55
C TYR A 118 -15.79 -26.87 4.14
N CYS A 119 -15.00 -27.44 3.24
CA CYS A 119 -15.08 -27.07 1.84
C CYS A 119 -14.53 -28.24 1.03
N ASN A 120 -14.96 -28.34 -0.21
CA ASN A 120 -14.50 -29.38 -1.11
C ASN A 120 -14.24 -28.72 -2.47
N PRO A 121 -13.06 -28.09 -2.64
CA PRO A 121 -12.67 -27.40 -3.88
C PRO A 121 -12.75 -28.23 -5.16
N GLY A 122 -12.54 -29.54 -5.04
CA GLY A 122 -12.63 -30.41 -6.20
C GLY A 122 -14.05 -30.42 -6.74
N SER A 123 -15.05 -30.46 -5.86
CA SER A 123 -16.45 -30.44 -6.26
C SER A 123 -17.00 -29.02 -6.26
N ARG A 124 -16.10 -28.05 -6.16
CA ARG A 124 -16.46 -26.64 -6.13
C ARG A 124 -17.50 -26.34 -5.05
N GLU A 125 -17.44 -27.03 -3.92
CA GLU A 125 -18.42 -26.76 -2.87
C GLU A 125 -17.93 -26.03 -1.64
N PHE A 126 -18.51 -24.85 -1.42
CA PHE A 126 -18.19 -23.98 -0.29
C PHE A 126 -19.46 -23.73 0.50
N PRO A 127 -19.85 -24.72 1.34
CA PRO A 127 -21.04 -24.71 2.20
C PRO A 127 -21.23 -23.51 3.10
N ALA A 128 -20.14 -22.91 3.57
CA ALA A 128 -20.24 -21.77 4.49
C ALA A 128 -20.65 -20.45 3.85
N VAL A 129 -20.68 -20.39 2.52
CA VAL A 129 -21.07 -19.16 1.85
C VAL A 129 -22.59 -19.01 1.64
N PRO A 130 -23.22 -19.92 0.88
CA PRO A 130 -22.68 -21.10 0.18
C PRO A 130 -22.46 -20.86 -1.30
N TYR A 131 -21.53 -21.61 -1.88
CA TYR A 131 -21.24 -21.53 -3.30
C TYR A 131 -21.23 -22.98 -3.73
N SER A 132 -21.63 -23.22 -4.97
CA SER A 132 -21.65 -24.56 -5.53
C SER A 132 -21.01 -24.46 -6.90
N ALA A 133 -20.88 -25.59 -7.56
CA ALA A 133 -20.24 -25.62 -8.87
C ALA A 133 -20.74 -24.60 -9.87
N TRP A 134 -22.01 -24.26 -9.80
CA TRP A 134 -22.57 -23.31 -10.77
C TRP A 134 -22.26 -21.86 -10.49
N ASP A 135 -21.43 -21.61 -9.48
CA ASP A 135 -21.05 -20.25 -9.14
C ASP A 135 -19.63 -19.93 -9.61
N PHE A 136 -19.03 -20.86 -10.37
CA PHE A 136 -17.68 -20.69 -10.88
C PHE A 136 -17.60 -20.63 -12.41
N ASN A 137 -16.52 -20.04 -12.90
CA ASN A 137 -16.30 -19.85 -14.32
C ASN A 137 -15.74 -21.02 -15.10
N ASP A 138 -15.75 -22.21 -14.49
CA ASP A 138 -15.21 -23.37 -15.17
C ASP A 138 -15.75 -23.51 -16.59
N GLY A 139 -17.03 -23.27 -16.77
CA GLY A 139 -17.64 -23.37 -18.09
C GLY A 139 -17.29 -22.25 -19.06
N LYS A 140 -16.98 -21.05 -18.55
CA LYS A 140 -16.66 -19.91 -19.43
C LYS A 140 -15.28 -19.97 -20.06
N CYS A 141 -14.30 -20.35 -19.26
CA CYS A 141 -12.92 -20.44 -19.69
C CYS A 141 -12.75 -21.40 -20.88
N LYS A 142 -12.27 -20.87 -22.01
CA LYS A 142 -12.07 -21.66 -23.22
C LYS A 142 -10.65 -22.22 -23.38
N THR A 143 -9.89 -22.21 -22.29
CA THR A 143 -8.54 -22.71 -22.29
C THR A 143 -8.53 -24.23 -22.08
N ALA A 144 -7.57 -24.90 -22.71
CA ALA A 144 -7.44 -26.35 -22.58
C ALA A 144 -7.14 -26.77 -21.15
N SER A 145 -6.22 -26.06 -20.50
CA SER A 145 -5.84 -26.36 -19.13
C SER A 145 -6.77 -25.73 -18.12
N GLY A 146 -7.60 -24.80 -18.57
CA GLY A 146 -8.50 -24.10 -17.66
C GLY A 146 -7.79 -22.94 -16.98
N GLY A 147 -6.54 -22.71 -17.38
CA GLY A 147 -5.78 -21.63 -16.80
C GLY A 147 -5.50 -20.51 -17.77
N ILE A 148 -4.95 -19.42 -17.25
CA ILE A 148 -4.62 -18.28 -18.08
C ILE A 148 -3.38 -18.64 -18.87
N GLU A 149 -3.56 -19.11 -20.09
CA GLU A 149 -2.43 -19.48 -20.92
C GLU A 149 -1.80 -18.30 -21.68
N SER A 150 -2.56 -17.22 -21.84
CA SER A 150 -2.05 -16.04 -22.53
C SER A 150 -2.66 -14.79 -21.96
N TYR A 151 -1.81 -13.88 -21.52
CA TYR A 151 -2.27 -12.62 -20.94
C TYR A 151 -2.62 -11.63 -22.04
N ASN A 152 -2.50 -12.07 -23.28
CA ASN A 152 -2.81 -11.21 -24.41
C ASN A 152 -4.30 -11.32 -24.80
N ASP A 153 -4.97 -12.27 -24.17
CA ASP A 153 -6.38 -12.49 -24.41
C ASP A 153 -7.14 -12.13 -23.13
N PRO A 154 -7.79 -10.96 -23.11
CA PRO A 154 -8.54 -10.50 -21.94
C PRO A 154 -9.62 -11.45 -21.44
N TYR A 155 -10.05 -12.39 -22.27
CA TYR A 155 -11.05 -13.35 -21.83
C TYR A 155 -10.45 -14.40 -20.90
N GLN A 156 -9.26 -14.92 -21.25
CA GLN A 156 -8.57 -15.92 -20.43
C GLN A 156 -8.23 -15.31 -19.08
N VAL A 157 -7.66 -14.12 -19.15
CA VAL A 157 -7.25 -13.39 -17.97
C VAL A 157 -8.40 -13.23 -16.98
N ARG A 158 -9.60 -12.99 -17.51
CA ARG A 158 -10.77 -12.79 -16.67
C ARG A 158 -11.61 -13.99 -16.31
N ASP A 159 -11.74 -14.94 -17.23
CA ASP A 159 -12.58 -16.11 -17.00
C ASP A 159 -11.86 -17.39 -16.64
N CYS A 160 -10.53 -17.39 -16.71
CA CYS A 160 -9.80 -18.61 -16.38
C CYS A 160 -9.19 -18.54 -15.01
N GLN A 161 -8.67 -19.67 -14.52
CA GLN A 161 -8.10 -19.72 -13.19
C GLN A 161 -6.72 -19.10 -13.07
N LEU A 162 -6.59 -18.20 -12.10
CA LEU A 162 -5.35 -17.51 -11.79
C LEU A 162 -4.57 -18.45 -10.88
N VAL A 163 -3.43 -18.93 -11.36
CA VAL A 163 -2.57 -19.87 -10.63
C VAL A 163 -3.37 -21.01 -9.96
N GLY A 164 -4.40 -21.47 -10.68
CA GLY A 164 -5.22 -22.56 -10.18
C GLY A 164 -6.30 -22.25 -9.16
N LEU A 165 -6.53 -20.98 -8.87
CA LEU A 165 -7.56 -20.61 -7.90
C LEU A 165 -8.92 -20.63 -8.58
N LEU A 166 -9.91 -21.18 -7.88
CA LEU A 166 -11.28 -21.30 -8.40
C LEU A 166 -11.87 -19.93 -8.70
N ASP A 167 -12.16 -19.71 -9.98
CA ASP A 167 -12.68 -18.42 -10.46
C ASP A 167 -14.20 -18.23 -10.32
N LEU A 168 -14.61 -17.24 -9.54
CA LEU A 168 -16.04 -16.97 -9.32
C LEU A 168 -16.73 -16.38 -10.56
N ALA A 169 -17.96 -16.82 -10.83
CA ALA A 169 -18.70 -16.33 -11.98
C ALA A 169 -19.37 -15.03 -11.58
N LEU A 170 -18.61 -13.94 -11.66
CA LEU A 170 -19.09 -12.61 -11.27
C LEU A 170 -20.17 -11.96 -12.12
N GLU A 171 -20.55 -12.59 -13.22
CA GLU A 171 -21.61 -12.02 -14.03
C GLU A 171 -22.93 -12.38 -13.33
N LYS A 172 -22.89 -13.42 -12.51
CA LYS A 172 -24.08 -13.89 -11.82
C LYS A 172 -24.45 -13.03 -10.62
N ASP A 173 -25.68 -12.53 -10.63
CA ASP A 173 -26.18 -11.70 -9.55
C ASP A 173 -26.14 -12.37 -8.17
N TYR A 174 -26.24 -13.70 -8.11
CA TYR A 174 -26.16 -14.42 -6.83
C TYR A 174 -24.76 -14.27 -6.26
N VAL A 175 -23.75 -14.39 -7.12
CA VAL A 175 -22.36 -14.27 -6.74
C VAL A 175 -22.13 -12.80 -6.36
N ARG A 176 -22.53 -11.88 -7.24
CA ARG A 176 -22.38 -10.45 -6.99
C ARG A 176 -23.00 -10.07 -5.64
N SER A 177 -24.13 -10.67 -5.33
CA SER A 177 -24.82 -10.38 -4.08
C SER A 177 -24.19 -10.98 -2.83
N MET A 178 -23.62 -12.18 -2.94
CA MET A 178 -22.97 -12.78 -1.78
C MET A 178 -21.81 -11.88 -1.38
N ILE A 179 -21.07 -11.42 -2.37
CA ILE A 179 -19.92 -10.53 -2.21
C ILE A 179 -20.36 -9.19 -1.65
N ALA A 180 -21.42 -8.62 -2.21
CA ALA A 180 -21.94 -7.36 -1.73
C ALA A 180 -22.34 -7.47 -0.26
N ASP A 181 -22.95 -8.58 0.13
CA ASP A 181 -23.37 -8.74 1.51
C ASP A 181 -22.18 -8.73 2.45
N TYR A 182 -21.10 -9.37 2.00
CA TYR A 182 -19.85 -9.45 2.76
C TYR A 182 -19.30 -8.04 2.95
N LEU A 183 -19.13 -7.32 1.85
CA LEU A 183 -18.60 -5.97 1.90
C LEU A 183 -19.49 -5.07 2.74
N ASN A 184 -20.80 -5.22 2.58
CA ASN A 184 -21.77 -4.40 3.32
C ASN A 184 -21.71 -4.59 4.82
N LYS A 185 -21.39 -5.79 5.26
CA LYS A 185 -21.27 -6.07 6.69
C LYS A 185 -20.09 -5.26 7.22
N LEU A 186 -19.02 -5.21 6.42
CA LEU A 186 -17.80 -4.49 6.75
C LEU A 186 -18.04 -2.99 6.81
N ILE A 187 -18.70 -2.46 5.79
CA ILE A 187 -19.03 -1.04 5.75
C ILE A 187 -19.85 -0.66 6.98
N ASP A 188 -20.87 -1.45 7.30
CA ASP A 188 -21.70 -1.15 8.46
C ASP A 188 -20.90 -1.17 9.75
N ILE A 189 -19.89 -2.03 9.81
CA ILE A 189 -19.05 -2.09 11.00
C ILE A 189 -18.26 -0.78 11.15
N GLY A 190 -17.89 -0.18 10.02
CA GLY A 190 -17.19 1.07 10.07
C GLY A 190 -16.01 1.21 9.12
N VAL A 191 -15.84 0.25 8.21
CA VAL A 191 -14.76 0.28 7.23
C VAL A 191 -14.99 1.43 6.24
N ALA A 192 -13.92 2.11 5.84
CA ALA A 192 -14.00 3.26 4.92
C ALA A 192 -13.81 2.93 3.44
N GLY A 193 -13.30 1.76 3.13
CA GLY A 193 -13.09 1.45 1.73
C GLY A 193 -12.43 0.11 1.51
N PHE A 194 -12.08 -0.17 0.27
CA PHE A 194 -11.51 -1.46 -0.05
C PHE A 194 -10.44 -1.47 -1.11
N ARG A 195 -9.53 -2.42 -0.99
CA ARG A 195 -8.51 -2.64 -1.99
C ARG A 195 -9.16 -3.81 -2.70
N ILE A 196 -9.50 -3.66 -3.97
CA ILE A 196 -10.11 -4.78 -4.70
C ILE A 196 -8.97 -5.63 -5.23
N ASP A 197 -8.79 -6.80 -4.66
CA ASP A 197 -7.73 -7.70 -5.07
C ASP A 197 -7.94 -8.32 -6.45
N ALA A 198 -6.84 -8.41 -7.20
CA ALA A 198 -6.82 -9.03 -8.53
C ALA A 198 -7.83 -8.46 -9.51
N SER A 199 -7.96 -7.14 -9.55
CA SER A 199 -8.90 -6.51 -10.46
C SER A 199 -8.71 -6.84 -11.92
N LYS A 200 -7.47 -7.04 -12.34
CA LYS A 200 -7.18 -7.38 -13.73
C LYS A 200 -7.87 -8.67 -14.15
N HIS A 201 -8.20 -9.51 -13.17
CA HIS A 201 -8.84 -10.81 -13.41
C HIS A 201 -10.35 -10.83 -13.33
N MET A 202 -10.95 -9.64 -13.32
CA MET A 202 -12.39 -9.47 -13.28
C MET A 202 -12.76 -8.43 -14.34
N TRP A 203 -13.99 -8.47 -14.84
CA TRP A 203 -14.41 -7.51 -15.83
C TRP A 203 -14.77 -6.23 -15.11
N PRO A 204 -14.35 -5.09 -15.66
CA PRO A 204 -14.65 -3.80 -15.02
C PRO A 204 -16.15 -3.69 -14.68
N GLY A 205 -17.00 -4.22 -15.56
CA GLY A 205 -18.44 -4.16 -15.36
C GLY A 205 -18.95 -4.99 -14.19
N ASP A 206 -18.35 -6.15 -13.98
CA ASP A 206 -18.74 -7.02 -12.87
C ASP A 206 -18.38 -6.36 -11.54
N ILE A 207 -17.27 -5.63 -11.53
CA ILE A 207 -16.84 -4.94 -10.32
C ILE A 207 -17.84 -3.82 -10.04
N LYS A 208 -18.24 -3.09 -11.08
CA LYS A 208 -19.18 -2.01 -10.90
C LYS A 208 -20.53 -2.53 -10.40
N ALA A 209 -20.99 -3.62 -10.99
CA ALA A 209 -22.25 -4.22 -10.57
C ALA A 209 -22.23 -4.47 -9.08
N VAL A 210 -21.10 -4.96 -8.56
CA VAL A 210 -20.94 -5.23 -7.14
C VAL A 210 -20.87 -3.94 -6.32
N LEU A 211 -20.11 -2.97 -6.80
CA LEU A 211 -19.99 -1.73 -6.07
C LEU A 211 -21.32 -0.98 -5.93
N ASP A 212 -22.18 -1.07 -6.94
CA ASP A 212 -23.50 -0.41 -6.90
C ASP A 212 -24.36 -0.81 -5.70
N LYS A 213 -24.20 -2.04 -5.23
CA LYS A 213 -24.97 -2.54 -4.11
C LYS A 213 -24.44 -2.11 -2.74
N LEU A 214 -23.36 -1.35 -2.72
CA LEU A 214 -22.75 -0.95 -1.46
C LEU A 214 -23.45 0.15 -0.69
N HIS A 215 -23.46 -0.02 0.63
CA HIS A 215 -24.05 0.94 1.56
C HIS A 215 -23.20 2.20 1.64
N ASN A 216 -23.76 3.27 2.18
CA ASN A 216 -23.03 4.50 2.41
C ASN A 216 -22.29 4.23 3.70
N LEU A 217 -21.24 5.00 3.97
CA LEU A 217 -20.46 4.76 5.16
C LEU A 217 -21.18 5.08 6.47
N ASN A 218 -20.80 4.39 7.53
CA ASN A 218 -21.40 4.54 8.84
C ASN A 218 -21.34 5.99 9.36
N THR A 219 -22.51 6.61 9.52
CA THR A 219 -22.61 7.99 9.97
C THR A 219 -22.14 8.27 11.39
N ASN A 220 -21.66 7.25 12.09
CA ASN A 220 -21.13 7.47 13.43
C ASN A 220 -19.82 8.23 13.23
N TRP A 221 -19.18 7.98 12.09
CA TRP A 221 -17.90 8.61 11.81
C TRP A 221 -17.85 9.37 10.50
N PHE A 222 -18.75 9.06 9.58
CA PHE A 222 -18.73 9.74 8.29
C PHE A 222 -19.97 10.55 8.00
N PRO A 223 -19.83 11.57 7.15
CA PRO A 223 -20.98 12.41 6.80
C PRO A 223 -21.97 11.50 6.04
N ALA A 224 -23.24 11.85 6.08
CA ALA A 224 -24.24 11.04 5.40
C ALA A 224 -23.98 11.09 3.91
N GLY A 225 -24.35 10.02 3.21
CA GLY A 225 -24.15 9.97 1.78
C GLY A 225 -22.71 9.73 1.33
N SER A 226 -21.86 9.23 2.22
CA SER A 226 -20.46 8.96 1.88
C SER A 226 -20.31 7.62 1.21
N ARG A 227 -19.66 7.61 0.05
CA ARG A 227 -19.39 6.40 -0.72
C ARG A 227 -18.04 5.83 -0.30
N PRO A 228 -17.94 4.50 -0.19
CA PRO A 228 -16.66 3.93 0.21
C PRO A 228 -15.55 4.22 -0.82
N PHE A 229 -14.32 4.33 -0.34
CA PHE A 229 -13.16 4.58 -1.20
C PHE A 229 -12.78 3.26 -1.85
N ILE A 230 -12.60 3.25 -3.16
CA ILE A 230 -12.22 2.02 -3.86
C ILE A 230 -10.91 2.19 -4.64
N PHE A 231 -9.96 1.28 -4.40
CA PHE A 231 -8.72 1.28 -5.17
C PHE A 231 -8.50 -0.15 -5.62
N GLN A 232 -8.42 -0.31 -6.93
CA GLN A 232 -8.30 -1.62 -7.54
C GLN A 232 -6.88 -2.00 -7.91
N GLU A 233 -6.45 -3.19 -7.51
CA GLU A 233 -5.12 -3.61 -7.85
C GLU A 233 -5.07 -4.10 -9.29
N VAL A 234 -4.57 -3.26 -10.18
CA VAL A 234 -4.44 -3.60 -11.59
C VAL A 234 -2.98 -3.37 -11.92
N ILE A 235 -2.28 -4.44 -12.24
CA ILE A 235 -0.88 -4.32 -12.60
C ILE A 235 -0.79 -4.12 -14.11
N ASP A 236 -0.44 -2.91 -14.54
CA ASP A 236 -0.31 -2.60 -15.94
C ASP A 236 0.91 -1.74 -16.13
N LEU A 237 1.98 -2.34 -16.64
CA LEU A 237 3.20 -1.59 -16.85
C LEU A 237 3.29 -1.08 -18.27
N GLY A 238 2.19 -1.22 -19.01
CA GLY A 238 2.16 -0.76 -20.38
C GLY A 238 2.47 -1.89 -21.34
N GLY A 239 1.90 -1.81 -22.54
CA GLY A 239 2.14 -2.83 -23.54
C GLY A 239 1.40 -4.13 -23.23
N GLU A 240 0.25 -4.01 -22.59
CA GLU A 240 -0.53 -5.17 -22.22
C GLU A 240 -1.93 -5.06 -22.78
N ALA A 241 -2.60 -6.21 -22.88
CA ALA A 241 -3.95 -6.30 -23.41
C ALA A 241 -4.99 -5.56 -22.54
N ILE A 242 -4.89 -5.73 -21.23
CA ILE A 242 -5.79 -5.08 -20.28
C ILE A 242 -5.13 -3.84 -19.72
N SER A 243 -5.83 -2.73 -19.73
CA SER A 243 -5.29 -1.48 -19.24
C SER A 243 -5.94 -0.94 -17.98
N SER A 244 -5.18 -0.17 -17.21
CA SER A 244 -5.66 0.43 -15.96
C SER A 244 -6.89 1.31 -16.20
N SER A 245 -6.86 2.04 -17.31
CA SER A 245 -7.93 2.96 -17.67
C SER A 245 -9.30 2.35 -17.78
N GLU A 246 -9.35 1.04 -18.05
CA GLU A 246 -10.62 0.34 -18.15
C GLU A 246 -11.34 0.31 -16.80
N TYR A 247 -10.57 0.54 -15.73
CA TYR A 247 -11.11 0.51 -14.39
C TYR A 247 -11.36 1.87 -13.75
N PHE A 248 -11.11 2.94 -14.50
CA PHE A 248 -11.27 4.30 -13.98
C PHE A 248 -12.68 4.66 -13.51
N GLY A 249 -13.69 3.95 -14.00
CA GLY A 249 -15.05 4.25 -13.59
C GLY A 249 -15.46 3.67 -12.25
N ASN A 250 -14.69 2.71 -11.76
CA ASN A 250 -14.98 2.04 -10.49
C ASN A 250 -14.32 2.69 -9.30
N GLY A 251 -13.26 3.45 -9.54
CA GLY A 251 -12.54 4.10 -8.48
C GLY A 251 -11.09 4.23 -8.86
N ARG A 252 -10.21 4.44 -7.88
CA ARG A 252 -8.78 4.59 -8.13
C ARG A 252 -8.15 3.25 -8.51
N VAL A 253 -6.97 3.32 -9.12
CA VAL A 253 -6.24 2.13 -9.55
C VAL A 253 -4.80 2.25 -9.09
N THR A 254 -4.22 1.11 -8.72
CA THR A 254 -2.82 1.06 -8.26
C THR A 254 -1.90 1.35 -9.43
N GLU A 255 -1.03 2.34 -9.27
CA GLU A 255 -0.09 2.67 -10.34
C GLU A 255 1.27 2.00 -10.09
N PHE A 256 1.42 0.81 -10.68
CA PHE A 256 2.67 0.04 -10.54
C PHE A 256 3.82 0.60 -11.35
N LYS A 257 3.54 1.49 -12.30
CA LYS A 257 4.62 2.10 -13.09
C LYS A 257 5.43 2.98 -12.17
N TYR A 258 4.74 3.58 -11.21
CA TYR A 258 5.33 4.47 -10.23
C TYR A 258 6.52 3.86 -9.47
N GLY A 259 6.28 2.78 -8.76
CA GLY A 259 7.32 2.14 -8.00
C GLY A 259 8.43 1.53 -8.84
N ALA A 260 8.08 1.02 -10.01
CA ALA A 260 9.07 0.41 -10.89
C ALA A 260 10.02 1.44 -11.50
N LYS A 261 9.48 2.57 -11.91
CA LYS A 261 10.31 3.62 -12.49
C LYS A 261 11.15 4.38 -11.48
N LEU A 262 10.58 4.72 -10.33
CA LEU A 262 11.31 5.42 -9.27
C LEU A 262 12.45 4.54 -8.76
N GLY A 263 12.20 3.24 -8.68
CA GLY A 263 13.23 2.32 -8.25
C GLY A 263 14.40 2.39 -9.21
N THR A 264 14.12 2.35 -10.50
CA THR A 264 15.19 2.41 -11.51
C THR A 264 15.98 3.72 -11.48
N VAL A 265 15.28 4.83 -11.27
CA VAL A 265 15.89 6.14 -11.21
C VAL A 265 16.80 6.31 -9.99
N VAL A 266 16.31 5.96 -8.81
CA VAL A 266 17.08 6.09 -7.58
C VAL A 266 18.27 5.12 -7.51
N ARG A 267 18.16 3.98 -8.18
CA ARG A 267 19.25 3.01 -8.21
C ARG A 267 20.24 3.39 -9.32
N LYS A 268 19.85 4.39 -10.12
CA LYS A 268 20.65 4.89 -11.24
C LYS A 268 20.93 3.81 -12.28
N TRP A 269 19.89 3.04 -12.62
CA TRP A 269 19.98 1.96 -13.59
C TRP A 269 19.46 2.42 -14.95
N SER A 270 19.86 1.72 -16.01
CA SER A 270 19.44 1.99 -17.38
C SER A 270 19.72 3.40 -17.88
N GLY A 271 20.60 4.11 -17.20
CA GLY A 271 20.93 5.47 -17.61
C GLY A 271 19.99 6.51 -17.02
N GLU A 272 19.24 6.11 -15.98
CA GLU A 272 18.30 6.99 -15.33
C GLU A 272 18.97 7.96 -14.36
N LYS A 273 18.45 9.18 -14.32
CA LYS A 273 19.00 10.21 -13.46
C LYS A 273 17.87 10.90 -12.70
N MET A 274 18.12 11.31 -11.46
CA MET A 274 17.09 11.99 -10.69
C MET A 274 16.65 13.29 -11.32
N SER A 275 17.54 13.96 -12.06
CA SER A 275 17.17 15.21 -12.73
C SER A 275 16.04 14.97 -13.73
N TYR A 276 15.82 13.72 -14.11
CA TYR A 276 14.73 13.36 -15.04
C TYR A 276 13.36 13.45 -14.36
N LEU A 277 13.34 13.51 -13.04
CA LEU A 277 12.09 13.58 -12.30
C LEU A 277 11.39 14.92 -12.32
N LYS A 278 11.91 15.87 -13.09
CA LYS A 278 11.30 17.19 -13.14
C LYS A 278 9.83 17.14 -13.56
N ASN A 279 9.52 16.28 -14.51
CA ASN A 279 8.17 16.13 -15.04
C ASN A 279 7.52 14.82 -14.57
N TRP A 280 7.95 14.33 -13.42
CA TRP A 280 7.42 13.10 -12.82
C TRP A 280 5.90 13.18 -12.73
N GLY A 281 5.23 12.06 -12.97
CA GLY A 281 3.79 12.04 -12.90
C GLY A 281 3.19 11.71 -14.24
N GLU A 282 2.21 12.49 -14.68
CA GLU A 282 1.58 12.23 -15.96
C GLU A 282 2.62 12.34 -17.06
N GLY A 283 3.61 13.22 -16.86
CA GLY A 283 4.68 13.41 -17.82
C GLY A 283 5.42 12.13 -18.14
N TRP A 284 5.41 11.17 -17.23
CA TRP A 284 6.08 9.89 -17.43
C TRP A 284 5.17 8.77 -17.98
N GLY A 285 3.95 9.15 -18.38
CA GLY A 285 3.00 8.18 -18.91
C GLY A 285 2.14 7.53 -17.83
N PHE A 286 2.08 8.15 -16.65
CA PHE A 286 1.29 7.64 -15.55
C PHE A 286 -0.15 8.03 -15.74
N MET A 287 -1.04 7.36 -15.01
CA MET A 287 -2.47 7.65 -15.07
C MET A 287 -2.75 9.02 -14.44
N PRO A 288 -3.97 9.55 -14.61
CA PRO A 288 -4.25 10.84 -14.00
C PRO A 288 -4.00 10.73 -12.49
N SER A 289 -3.50 11.80 -11.89
CA SER A 289 -3.20 11.82 -10.47
C SER A 289 -4.41 11.51 -9.61
N ASP A 290 -5.57 12.04 -9.97
CA ASP A 290 -6.79 11.82 -9.20
C ASP A 290 -7.40 10.43 -9.35
N ARG A 291 -6.68 9.53 -9.99
CA ARG A 291 -7.14 8.17 -10.17
C ARG A 291 -6.10 7.21 -9.62
N ALA A 292 -4.96 7.74 -9.24
CA ALA A 292 -3.85 6.90 -8.81
C ALA A 292 -3.63 6.69 -7.34
N LEU A 293 -3.25 5.47 -7.00
CA LEU A 293 -2.88 5.11 -5.64
C LEU A 293 -1.44 4.70 -5.87
N VAL A 294 -0.51 5.40 -5.23
CA VAL A 294 0.91 5.11 -5.42
C VAL A 294 1.66 4.60 -4.19
N PHE A 295 2.79 3.94 -4.46
CA PHE A 295 3.63 3.32 -3.44
C PHE A 295 5.00 3.00 -4.04
N VAL A 296 6.00 2.80 -3.19
CA VAL A 296 7.34 2.46 -3.66
C VAL A 296 7.41 0.94 -3.83
N ASP A 297 6.83 0.22 -2.86
CA ASP A 297 6.78 -1.24 -2.90
C ASP A 297 5.46 -1.66 -2.27
N ASN A 298 5.05 -2.90 -2.54
CA ASN A 298 3.84 -3.43 -1.95
C ASN A 298 4.22 -4.81 -1.41
N HIS A 299 3.30 -5.45 -0.69
CA HIS A 299 3.56 -6.75 -0.08
C HIS A 299 4.04 -7.83 -1.05
N ASP A 300 3.65 -7.71 -2.30
CA ASP A 300 4.00 -8.69 -3.28
C ASP A 300 5.33 -8.41 -4.00
N ASN A 301 5.49 -7.21 -4.54
CA ASN A 301 6.71 -6.90 -5.27
C ASN A 301 7.96 -6.63 -4.43
N GLN A 302 7.78 -6.44 -3.12
CA GLN A 302 8.93 -6.22 -2.22
C GLN A 302 9.67 -7.55 -2.02
N ARG A 303 9.03 -8.62 -2.45
CA ARG A 303 9.58 -9.96 -2.36
C ARG A 303 10.43 -10.31 -3.59
N GLY A 304 10.75 -9.30 -4.37
CA GLY A 304 11.63 -9.49 -5.52
C GLY A 304 11.11 -9.85 -6.88
N HIS A 305 10.07 -10.66 -6.97
CA HIS A 305 9.59 -11.04 -8.28
C HIS A 305 8.16 -10.59 -8.59
N GLY A 306 7.91 -9.30 -8.39
CA GLY A 306 6.59 -8.75 -8.68
C GLY A 306 6.71 -7.74 -9.81
N ALA A 307 5.71 -6.88 -9.94
CA ALA A 307 5.71 -5.85 -10.97
C ALA A 307 6.89 -4.93 -10.68
N GLY A 308 7.84 -4.87 -11.59
CA GLY A 308 9.00 -4.03 -11.37
C GLY A 308 10.24 -4.87 -11.14
N GLY A 309 10.05 -6.11 -10.71
CA GLY A 309 11.18 -6.99 -10.49
C GLY A 309 12.19 -6.48 -9.48
N SER A 310 13.46 -6.63 -9.84
CA SER A 310 14.55 -6.25 -8.97
C SER A 310 14.78 -4.78 -8.75
N SER A 311 14.14 -3.93 -9.54
CA SER A 311 14.36 -2.51 -9.37
C SER A 311 13.56 -1.95 -8.22
N ILE A 312 12.63 -2.73 -7.69
CA ILE A 312 11.81 -2.25 -6.57
C ILE A 312 12.67 -2.06 -5.32
N LEU A 313 12.53 -0.90 -4.67
CA LEU A 313 13.27 -0.62 -3.45
C LEU A 313 12.46 -1.08 -2.25
N THR A 314 13.13 -1.69 -1.27
CA THR A 314 12.47 -2.18 -0.06
C THR A 314 13.29 -1.78 1.16
N PHE A 315 12.78 -2.13 2.34
CA PHE A 315 13.46 -1.81 3.59
C PHE A 315 14.83 -2.46 3.65
N TRP A 316 15.06 -3.48 2.82
CA TRP A 316 16.33 -4.16 2.81
C TRP A 316 17.42 -3.23 2.31
N ASP A 317 17.03 -2.20 1.56
CA ASP A 317 17.95 -1.20 1.02
C ASP A 317 17.58 0.11 1.69
N ALA A 318 17.47 0.06 3.01
CA ALA A 318 17.06 1.19 3.81
C ALA A 318 17.40 2.58 3.32
N ARG A 319 18.70 2.85 3.09
CA ARG A 319 19.16 4.16 2.66
C ARG A 319 18.50 4.71 1.38
N LEU A 320 18.50 3.92 0.32
CA LEU A 320 17.87 4.38 -0.93
C LEU A 320 16.34 4.33 -0.79
N TYR A 321 15.85 3.35 -0.04
CA TYR A 321 14.42 3.20 0.19
C TYR A 321 13.86 4.50 0.75
N LYS A 322 14.50 5.03 1.79
CA LYS A 322 14.06 6.27 2.42
C LYS A 322 14.07 7.46 1.46
N VAL A 323 15.02 7.49 0.54
CA VAL A 323 15.12 8.57 -0.45
C VAL A 323 13.91 8.47 -1.39
N ALA A 324 13.60 7.26 -1.84
CA ALA A 324 12.46 7.02 -2.73
C ALA A 324 11.15 7.38 -2.03
N VAL A 325 10.96 6.86 -0.83
CA VAL A 325 9.76 7.15 -0.06
C VAL A 325 9.65 8.65 0.23
N GLY A 326 10.80 9.27 0.49
CA GLY A 326 10.82 10.69 0.78
C GLY A 326 10.40 11.47 -0.44
N PHE A 327 10.90 11.04 -1.59
CA PHE A 327 10.54 11.70 -2.83
C PHE A 327 9.02 11.60 -3.08
N MET A 328 8.49 10.38 -2.98
CA MET A 328 7.06 10.11 -3.15
C MET A 328 6.14 10.95 -2.26
N LEU A 329 6.45 11.01 -0.96
CA LEU A 329 5.66 11.76 0.00
C LEU A 329 5.70 13.27 -0.15
N ALA A 330 6.72 13.78 -0.85
CA ALA A 330 6.87 15.20 -1.05
C ALA A 330 6.18 15.62 -2.33
N HIS A 331 6.23 14.75 -3.34
CA HIS A 331 5.62 15.04 -4.62
C HIS A 331 4.11 14.97 -4.58
N PRO A 332 3.45 15.94 -5.22
CA PRO A 332 1.99 16.01 -5.26
C PRO A 332 1.20 14.93 -6.03
N TYR A 333 1.88 14.05 -6.75
CA TYR A 333 1.17 13.04 -7.54
C TYR A 333 0.60 11.84 -6.78
N GLY A 334 -0.68 11.58 -7.02
CA GLY A 334 -1.38 10.44 -6.43
C GLY A 334 -1.68 10.45 -4.94
N PHE A 335 -2.37 9.40 -4.50
CA PHE A 335 -2.69 9.25 -3.09
C PHE A 335 -1.68 8.22 -2.61
N THR A 336 -0.98 8.51 -1.50
CA THR A 336 0.08 7.64 -1.02
C THR A 336 -0.16 6.54 0.01
N ARG A 337 0.46 5.39 -0.23
CA ARG A 337 0.41 4.26 0.68
C ARG A 337 1.83 3.90 1.10
N VAL A 338 2.06 3.84 2.40
CA VAL A 338 3.36 3.49 2.98
C VAL A 338 3.30 2.01 3.37
N MET A 339 4.40 1.29 3.15
CA MET A 339 4.48 -0.14 3.48
C MET A 339 5.04 -0.35 4.88
N SER A 340 4.53 -1.35 5.59
CA SER A 340 5.05 -1.72 6.90
C SER A 340 5.16 -3.25 6.83
N SER A 341 6.40 -3.73 6.82
CA SER A 341 6.69 -5.15 6.65
C SER A 341 7.23 -5.85 7.87
N TYR A 342 7.55 -7.12 7.66
CA TYR A 342 8.17 -7.97 8.67
C TYR A 342 9.38 -8.59 7.95
N ARG A 343 10.47 -8.85 8.68
CA ARG A 343 11.62 -9.43 8.00
C ARG A 343 11.59 -10.93 8.00
N TRP A 344 12.28 -11.52 7.03
CA TRP A 344 12.33 -12.98 6.88
C TRP A 344 13.69 -13.41 6.33
N ALA A 345 13.98 -14.69 6.49
CA ALA A 345 15.24 -15.25 6.04
C ALA A 345 15.26 -15.42 4.53
N ARG A 346 15.75 -14.41 3.82
CA ARG A 346 15.85 -14.48 2.37
C ARG A 346 16.89 -15.54 2.01
N ASN A 347 16.66 -16.23 0.89
CA ASN A 347 17.56 -17.27 0.44
C ASN A 347 17.53 -17.28 -1.06
N PHE A 348 18.49 -16.61 -1.67
CA PHE A 348 18.56 -16.53 -3.11
C PHE A 348 19.25 -17.72 -3.74
N VAL A 349 18.58 -18.29 -4.72
CA VAL A 349 19.09 -19.43 -5.45
C VAL A 349 18.91 -19.06 -6.91
N ASN A 350 20.02 -18.70 -7.53
CA ASN A 350 20.01 -18.30 -8.93
C ASN A 350 19.20 -17.02 -9.12
N GLY A 351 19.34 -16.10 -8.17
CA GLY A 351 18.63 -14.83 -8.24
C GLY A 351 17.15 -14.87 -7.94
N GLU A 352 16.72 -15.91 -7.21
CA GLU A 352 15.33 -16.06 -6.84
C GLU A 352 15.30 -16.40 -5.35
N ASP A 353 14.58 -15.60 -4.58
CA ASP A 353 14.48 -15.83 -3.15
C ASP A 353 13.56 -17.03 -2.97
N VAL A 354 14.14 -18.16 -2.60
CA VAL A 354 13.37 -19.39 -2.37
C VAL A 354 12.55 -19.35 -1.06
N ASN A 355 12.73 -18.32 -0.27
CA ASN A 355 12.02 -18.19 0.99
C ASN A 355 10.98 -17.09 0.98
N ASP A 356 10.55 -16.67 -0.20
CA ASP A 356 9.58 -15.58 -0.30
C ASP A 356 8.15 -15.92 0.14
N TRP A 357 7.91 -17.18 0.47
CA TRP A 357 6.61 -17.66 0.92
C TRP A 357 6.42 -17.45 2.40
N ILE A 358 7.53 -17.29 3.12
CA ILE A 358 7.51 -17.14 4.58
C ILE A 358 6.47 -16.19 5.14
N GLY A 359 5.67 -16.72 6.06
CA GLY A 359 4.62 -15.93 6.69
C GLY A 359 5.15 -15.00 7.76
N PRO A 360 4.26 -14.25 8.42
CA PRO A 360 4.65 -13.31 9.46
C PRO A 360 5.30 -13.98 10.66
N PRO A 361 6.00 -13.19 11.51
CA PRO A 361 6.68 -13.69 12.72
C PRO A 361 5.67 -14.51 13.53
N ASN A 362 6.03 -15.72 13.91
CA ASN A 362 5.08 -16.56 14.63
C ASN A 362 5.70 -17.59 15.55
N ASN A 363 4.87 -18.13 16.43
CA ASN A 363 5.25 -19.17 17.35
C ASN A 363 4.37 -20.35 16.95
N ASN A 364 4.92 -21.23 16.13
CA ASN A 364 4.20 -22.41 15.67
C ASN A 364 2.87 -22.06 15.01
N GLY A 365 2.92 -21.15 14.04
CA GLY A 365 1.73 -20.74 13.33
C GLY A 365 0.96 -19.58 13.91
N VAL A 366 1.14 -19.30 15.20
CA VAL A 366 0.44 -18.19 15.84
C VAL A 366 1.26 -16.90 15.72
N ILE A 367 0.66 -15.90 15.10
CA ILE A 367 1.29 -14.61 14.86
C ILE A 367 1.75 -13.93 16.14
N LYS A 368 2.98 -13.45 16.13
CA LYS A 368 3.57 -12.76 17.25
C LYS A 368 3.03 -11.36 17.41
N GLU A 369 3.02 -10.92 18.66
CA GLU A 369 2.52 -9.62 19.02
C GLU A 369 3.56 -8.60 18.55
N VAL A 370 3.11 -7.37 18.33
CA VAL A 370 4.03 -6.31 17.92
C VAL A 370 4.49 -5.62 19.20
N THR A 371 5.78 -5.71 19.48
CA THR A 371 6.34 -5.10 20.67
C THR A 371 7.01 -3.79 20.31
N ILE A 372 6.83 -2.79 21.14
CA ILE A 372 7.44 -1.49 20.89
C ILE A 372 8.62 -1.32 21.86
N ASN A 373 9.77 -0.94 21.33
CA ASN A 373 10.97 -0.74 22.11
C ASN A 373 11.02 0.71 22.56
N ALA A 374 11.87 0.98 23.55
CA ALA A 374 12.03 2.33 24.09
C ALA A 374 12.41 3.39 23.04
N ASP A 375 13.14 2.98 22.01
CA ASP A 375 13.52 3.90 20.94
C ASP A 375 12.43 4.06 19.88
N THR A 376 11.26 3.48 20.15
CA THR A 376 10.08 3.49 19.29
C THR A 376 10.16 2.48 18.14
N THR A 377 11.15 1.61 18.20
CA THR A 377 11.37 0.57 17.21
C THR A 377 10.50 -0.63 17.58
N CYS A 378 10.23 -1.52 16.63
CA CYS A 378 9.41 -2.69 16.93
C CYS A 378 10.26 -3.91 17.20
N GLY A 379 9.72 -4.85 17.96
CA GLY A 379 10.41 -6.08 18.24
C GLY A 379 9.75 -7.19 17.44
N ASN A 380 10.11 -8.43 17.72
CA ASN A 380 9.54 -9.61 17.07
C ASN A 380 9.66 -9.70 15.56
N ASP A 381 10.67 -9.02 15.03
CA ASP A 381 10.97 -9.00 13.61
C ASP A 381 9.99 -8.27 12.74
N TRP A 382 9.27 -7.32 13.32
CA TRP A 382 8.35 -6.50 12.56
C TRP A 382 9.26 -5.31 12.22
N VAL A 383 9.35 -4.94 10.94
CA VAL A 383 10.22 -3.85 10.51
C VAL A 383 9.71 -2.47 10.89
N CYS A 384 8.40 -2.26 10.82
CA CYS A 384 7.81 -0.98 11.16
C CYS A 384 8.39 0.26 10.49
N GLU A 385 8.46 0.25 9.16
CA GLU A 385 8.98 1.40 8.41
C GLU A 385 8.21 2.66 8.74
N HIS A 386 6.91 2.51 9.04
CA HIS A 386 6.08 3.67 9.38
C HIS A 386 6.54 4.37 10.65
N ARG A 387 7.38 3.68 11.41
CA ARG A 387 7.92 4.25 12.65
C ARG A 387 9.31 4.88 12.45
N TRP A 388 9.96 4.66 11.30
CA TRP A 388 11.26 5.27 11.05
C TRP A 388 11.02 6.78 10.99
N ARG A 389 11.88 7.55 11.67
CA ARG A 389 11.75 9.00 11.71
C ARG A 389 11.67 9.67 10.35
N GLU A 390 12.52 9.22 9.44
CA GLU A 390 12.57 9.77 8.10
C GLU A 390 11.26 9.57 7.38
N ILE A 391 10.60 8.45 7.65
CA ILE A 391 9.31 8.16 7.03
C ILE A 391 8.14 8.85 7.75
N ARG A 392 8.04 8.66 9.06
CA ARG A 392 6.96 9.31 9.80
C ARG A 392 6.93 10.83 9.60
N ASN A 393 8.11 11.45 9.58
CA ASN A 393 8.20 12.90 9.37
C ASN A 393 7.82 13.32 7.96
N MET A 394 8.04 12.45 6.97
CA MET A 394 7.67 12.79 5.61
C MET A 394 6.16 12.61 5.44
N VAL A 395 5.58 11.69 6.22
CA VAL A 395 4.13 11.47 6.20
C VAL A 395 3.51 12.78 6.69
N TRP A 396 4.11 13.36 7.75
CA TRP A 396 3.66 14.62 8.32
C TRP A 396 3.83 15.79 7.34
N PHE A 397 4.99 15.81 6.69
CA PHE A 397 5.33 16.79 5.69
C PHE A 397 4.19 16.88 4.66
N ARG A 398 3.77 15.73 4.14
CA ARG A 398 2.71 15.67 3.14
C ARG A 398 1.42 16.29 3.64
N ASN A 399 1.09 16.04 4.90
CA ASN A 399 -0.10 16.62 5.50
C ASN A 399 0.05 18.14 5.49
N VAL A 400 1.19 18.61 5.98
CA VAL A 400 1.50 20.05 6.05
C VAL A 400 1.44 20.80 4.71
N VAL A 401 2.02 20.24 3.66
CA VAL A 401 2.02 20.91 2.36
C VAL A 401 0.80 20.64 1.49
N ASP A 402 -0.11 19.80 1.98
CA ASP A 402 -1.30 19.41 1.25
C ASP A 402 -1.97 20.53 0.48
N GLY A 403 -2.10 20.36 -0.83
CA GLY A 403 -2.74 21.36 -1.66
C GLY A 403 -1.81 22.38 -2.29
N GLN A 404 -0.59 22.51 -1.78
CA GLN A 404 0.37 23.45 -2.33
C GLN A 404 0.93 22.91 -3.61
N PRO A 405 1.11 23.77 -4.61
CA PRO A 405 1.65 23.31 -5.88
C PRO A 405 3.12 23.03 -5.88
N PHE A 406 3.53 22.22 -6.86
CA PHE A 406 4.91 21.85 -7.11
C PHE A 406 5.57 23.17 -7.54
N ALA A 407 6.67 23.53 -6.89
CA ALA A 407 7.34 24.79 -7.20
C ALA A 407 8.82 24.71 -6.99
N ASN A 408 9.51 25.73 -7.48
CA ASN A 408 10.95 25.87 -7.31
C ASN A 408 11.82 24.64 -7.53
N TRP A 409 11.62 23.96 -8.65
CA TRP A 409 12.44 22.80 -8.96
C TRP A 409 13.86 23.25 -9.29
N TRP A 410 14.83 22.43 -8.92
CA TRP A 410 16.23 22.70 -9.19
C TRP A 410 16.93 21.37 -9.32
N ASP A 411 17.90 21.30 -10.23
CA ASP A 411 18.68 20.09 -10.40
C ASP A 411 20.05 20.49 -10.92
N ASN A 412 21.04 19.66 -10.66
CA ASN A 412 22.41 19.92 -11.11
C ASN A 412 22.71 19.20 -12.44
N GLY A 413 21.67 18.70 -13.11
CA GLY A 413 21.83 18.01 -14.37
C GLY A 413 22.25 16.56 -14.22
N SER A 414 22.40 16.10 -12.99
CA SER A 414 22.79 14.73 -12.74
C SER A 414 21.82 14.10 -11.71
N ASN A 415 22.27 13.90 -10.47
CA ASN A 415 21.42 13.30 -9.43
C ASN A 415 21.20 14.14 -8.16
N GLN A 416 21.26 15.47 -8.30
CA GLN A 416 21.02 16.37 -7.18
C GLN A 416 19.84 17.20 -7.63
N VAL A 417 18.74 17.12 -6.88
CA VAL A 417 17.53 17.85 -7.25
C VAL A 417 16.88 18.41 -5.99
N ALA A 418 15.97 19.35 -6.20
CA ALA A 418 15.23 19.98 -5.11
C ALA A 418 13.97 20.63 -5.66
N PHE A 419 12.93 20.69 -4.85
CA PHE A 419 11.67 21.31 -5.26
C PHE A 419 10.87 21.59 -4.00
N GLY A 420 9.87 22.45 -4.12
CA GLY A 420 9.06 22.79 -2.97
C GLY A 420 7.59 22.62 -3.25
N ARG A 421 6.81 22.83 -2.21
CA ARG A 421 5.37 22.72 -2.30
C ARG A 421 4.85 24.07 -1.84
N GLY A 422 4.66 24.98 -2.79
CA GLY A 422 4.20 26.32 -2.47
C GLY A 422 5.16 26.97 -1.50
N ASN A 423 4.64 27.59 -0.47
CA ASN A 423 5.48 28.23 0.53
C ASN A 423 5.39 27.48 1.84
N ARG A 424 5.02 26.20 1.76
CA ARG A 424 4.87 25.39 2.96
C ARG A 424 5.95 24.34 3.20
N GLY A 425 6.68 23.97 2.15
CA GLY A 425 7.70 22.96 2.33
C GLY A 425 8.72 22.91 1.23
N PHE A 426 9.89 22.37 1.55
CA PHE A 426 10.99 22.26 0.60
C PHE A 426 11.82 21.02 0.93
N ILE A 427 12.32 20.36 -0.11
CA ILE A 427 13.12 19.17 0.05
C ILE A 427 14.26 19.16 -0.98
N VAL A 428 15.44 18.69 -0.55
CA VAL A 428 16.64 18.64 -1.38
C VAL A 428 17.22 17.24 -1.31
N PHE A 429 17.67 16.71 -2.45
CA PHE A 429 18.25 15.38 -2.51
C PHE A 429 19.62 15.41 -3.16
N ASN A 430 20.54 14.62 -2.63
CA ASN A 430 21.86 14.50 -3.24
C ASN A 430 22.09 13.02 -3.46
N ASN A 431 21.85 12.57 -4.69
CA ASN A 431 22.05 11.16 -5.01
C ASN A 431 23.26 11.02 -5.94
N ASP A 432 24.15 12.02 -5.90
CA ASP A 432 25.35 12.00 -6.71
C ASP A 432 26.53 11.53 -5.88
N ASP A 433 27.58 11.08 -6.55
CA ASP A 433 28.77 10.61 -5.86
C ASP A 433 29.67 11.75 -5.40
N TRP A 434 29.11 12.95 -5.28
CA TRP A 434 29.88 14.07 -4.83
C TRP A 434 29.05 14.95 -3.92
N GLN A 435 29.74 15.87 -3.28
CA GLN A 435 29.15 16.78 -2.31
C GLN A 435 28.21 17.81 -2.91
N LEU A 436 27.13 18.09 -2.19
CA LEU A 436 26.15 19.09 -2.60
C LEU A 436 26.33 20.27 -1.66
N SER A 437 26.53 21.44 -2.23
CA SER A 437 26.69 22.66 -1.46
C SER A 437 26.21 23.81 -2.34
N SER A 438 25.00 24.26 -2.13
CA SER A 438 24.45 25.33 -2.94
C SER A 438 23.44 26.14 -2.18
N THR A 439 23.23 27.36 -2.61
CA THR A 439 22.24 28.22 -1.99
C THR A 439 21.06 28.11 -2.96
N LEU A 440 19.90 27.69 -2.46
CA LEU A 440 18.73 27.52 -3.32
C LEU A 440 17.53 28.32 -2.83
N GLN A 441 16.64 28.66 -3.77
CA GLN A 441 15.41 29.38 -3.47
C GLN A 441 14.43 28.33 -2.95
N THR A 442 13.96 28.49 -1.72
CA THR A 442 13.07 27.52 -1.13
C THR A 442 11.58 27.85 -1.26
N GLY A 443 11.28 29.14 -1.41
CA GLY A 443 9.90 29.56 -1.51
C GLY A 443 9.27 29.74 -0.15
N LEU A 444 10.02 29.50 0.92
CA LEU A 444 9.51 29.65 2.27
C LEU A 444 9.90 30.99 2.88
N PRO A 445 9.12 31.47 3.85
CA PRO A 445 9.46 32.75 4.48
C PRO A 445 10.74 32.56 5.29
N GLY A 446 11.50 33.62 5.46
CA GLY A 446 12.74 33.53 6.22
C GLY A 446 12.53 32.97 7.61
N GLY A 447 13.57 32.40 8.18
CA GLY A 447 13.48 31.84 9.52
C GLY A 447 14.43 30.68 9.65
N THR A 448 14.40 30.00 10.79
CA THR A 448 15.26 28.86 11.01
C THR A 448 14.37 27.63 11.10
N TYR A 449 14.61 26.69 10.20
CA TYR A 449 13.83 25.48 10.10
C TYR A 449 14.59 24.25 10.53
N CYS A 450 13.89 23.29 11.13
CA CYS A 450 14.50 22.04 11.54
C CYS A 450 14.35 21.07 10.40
N ASN A 451 15.43 20.37 10.08
CA ASN A 451 15.38 19.36 9.03
C ASN A 451 14.71 18.19 9.70
N VAL A 452 13.56 17.76 9.16
CA VAL A 452 12.79 16.65 9.74
C VAL A 452 13.29 15.26 9.36
N ILE A 453 14.37 15.20 8.60
CA ILE A 453 14.94 13.91 8.21
C ILE A 453 15.98 13.49 9.25
N SER A 454 16.83 14.43 9.67
CA SER A 454 17.88 14.16 10.65
C SER A 454 17.41 14.30 12.09
N GLY A 455 16.38 15.09 12.30
CA GLY A 455 15.90 15.27 13.65
C GLY A 455 14.46 15.73 13.66
N ASP A 456 14.06 16.27 14.80
CA ASP A 456 12.71 16.74 15.01
C ASP A 456 12.79 18.10 15.67
N LYS A 457 11.69 18.84 15.63
CA LYS A 457 11.62 20.12 16.29
C LYS A 457 11.10 19.81 17.68
N VAL A 458 11.91 20.06 18.69
CA VAL A 458 11.52 19.80 20.07
C VAL A 458 11.49 21.15 20.78
N GLY A 459 10.30 21.63 21.10
CA GLY A 459 10.18 22.92 21.76
C GLY A 459 10.77 23.95 20.83
N ASN A 460 11.57 24.87 21.35
CA ASN A 460 12.17 25.87 20.49
C ASN A 460 13.57 25.43 20.08
N SER A 461 13.68 24.20 19.58
CA SER A 461 14.97 23.72 19.16
C SER A 461 14.83 22.55 18.20
N CYS A 462 15.94 22.18 17.57
CA CYS A 462 15.94 21.08 16.64
C CYS A 462 16.92 20.08 17.18
N THR A 463 16.66 18.81 16.96
CA THR A 463 17.57 17.77 17.41
C THR A 463 18.54 17.38 16.29
N GLY A 464 18.33 17.91 15.08
CA GLY A 464 19.21 17.61 13.98
C GLY A 464 19.66 18.86 13.26
N ILE A 465 19.80 18.77 11.94
CA ILE A 465 20.21 19.91 11.14
C ILE A 465 19.18 21.04 11.22
N LYS A 466 19.65 22.27 11.25
CA LYS A 466 18.81 23.47 11.26
C LYS A 466 19.19 24.15 9.95
N VAL A 467 18.23 24.79 9.31
CA VAL A 467 18.48 25.47 8.06
C VAL A 467 18.02 26.90 8.23
N TYR A 468 18.92 27.84 8.00
CA TYR A 468 18.59 29.24 8.12
C TYR A 468 18.17 29.75 6.75
N VAL A 469 16.95 30.26 6.67
CA VAL A 469 16.39 30.79 5.43
C VAL A 469 16.35 32.30 5.50
N SER A 470 16.97 32.96 4.53
CA SER A 470 16.97 34.43 4.51
C SER A 470 15.60 34.95 4.13
N SER A 471 15.42 36.25 4.28
CA SER A 471 14.15 36.88 3.97
C SER A 471 13.78 36.69 2.51
N ASP A 472 14.77 36.57 1.65
CA ASP A 472 14.49 36.40 0.24
C ASP A 472 14.18 34.95 -0.13
N GLY A 473 14.09 34.10 0.88
CA GLY A 473 13.76 32.71 0.66
C GLY A 473 14.88 31.76 0.29
N THR A 474 16.10 32.25 0.13
CA THR A 474 17.20 31.36 -0.22
C THR A 474 17.82 30.75 1.04
N ALA A 475 18.47 29.61 0.88
CA ALA A 475 19.12 28.93 2.00
C ALA A 475 20.21 28.04 1.41
N GLN A 476 21.24 27.77 2.19
CA GLN A 476 22.33 26.92 1.74
C GLN A 476 22.11 25.49 2.20
N PHE A 477 22.31 24.55 1.29
CA PHE A 477 22.16 23.14 1.62
C PHE A 477 23.49 22.45 1.36
N SER A 478 24.02 21.81 2.39
CA SER A 478 25.28 21.10 2.29
C SER A 478 24.99 19.64 2.66
N ILE A 479 25.09 18.76 1.67
CA ILE A 479 24.83 17.36 1.89
C ILE A 479 25.94 16.55 1.26
N SER A 480 26.59 15.77 2.10
CA SER A 480 27.67 14.91 1.66
C SER A 480 27.10 13.67 1.06
N ASN A 481 27.79 13.14 0.05
CA ASN A 481 27.35 11.93 -0.60
C ASN A 481 27.49 10.75 0.37
N SER A 482 28.18 11.00 1.48
CA SER A 482 28.38 9.94 2.47
C SER A 482 27.39 10.13 3.62
N ALA A 483 26.53 11.13 3.52
CA ALA A 483 25.55 11.38 4.56
C ALA A 483 24.68 10.13 4.69
N GLN A 484 24.32 9.78 5.91
CA GLN A 484 23.48 8.60 6.15
C GLN A 484 22.14 8.71 5.43
N ASP A 485 21.57 9.92 5.49
CA ASP A 485 20.33 10.24 4.82
C ASP A 485 20.72 11.41 3.94
N PRO A 486 21.00 11.15 2.65
CA PRO A 486 21.40 12.17 1.70
C PRO A 486 20.32 13.13 1.22
N PHE A 487 19.44 13.54 2.12
CA PHE A 487 18.39 14.50 1.77
C PHE A 487 17.92 15.28 2.99
N ILE A 488 17.45 16.50 2.75
CA ILE A 488 16.97 17.37 3.80
C ILE A 488 15.60 17.89 3.43
N ALA A 489 14.68 17.96 4.39
CA ALA A 489 13.32 18.46 4.15
C ALA A 489 12.90 19.37 5.29
N ILE A 490 12.36 20.53 4.95
CA ILE A 490 11.89 21.50 5.94
C ILE A 490 10.46 21.93 5.54
N HIS A 491 9.65 22.33 6.51
CA HIS A 491 8.31 22.78 6.23
C HIS A 491 7.78 23.75 7.27
N ALA A 492 6.68 24.41 6.95
CA ALA A 492 6.02 25.41 7.81
C ALA A 492 5.95 25.08 9.29
N GLU A 493 5.79 23.79 9.60
CA GLU A 493 5.68 23.35 10.98
C GLU A 493 6.97 22.90 11.67
N SER A 494 8.11 22.97 10.98
CA SER A 494 9.37 22.58 11.59
C SER A 494 10.18 23.84 11.85
N LYS A 495 9.56 24.98 11.58
CA LYS A 495 10.19 26.28 11.76
C LYS A 495 10.19 26.64 13.24
N LEU A 496 11.33 27.13 13.73
CA LEU A 496 11.46 27.54 15.12
C LEU A 496 10.85 28.90 15.32
#